data_2OSC
#
_entry.id   2OSC
#
_cell.length_a   62.995
_cell.length_b   62.995
_cell.length_c   178.814
_cell.angle_alpha   90
_cell.angle_beta   90
_cell.angle_gamma   90
#
_symmetry.space_group_name_H-M   'P 41 21 2'
#
loop_
_entity.id
_entity.type
_entity.pdbx_description
1 polymer 'Angiopoietin-1 receptor'
2 non-polymer N-{4-METHYL-3-[(3-PYRIMIDIN-4-YLPYRIDIN-2-YL)AMINO]PHENYL}-3-(TRIFLUOROMETHYL)BENZAMIDE
3 water water
#
_entity_poly.entity_id   1
_entity_poly.type   'polypeptide(L)'
_entity_poly.pdbx_seq_one_letter_code
;KNNPDPTIYPVLDWNDIKFQDVIGEGNFGQVLKARIKKDGLRMDAAIKRMKEYASKDDHRDFAGELEVLCKLGHHPNIIN
LLGACEHRGYLYLAIEYAPHGNLLDFLRKSRVLETDPAFAIANSTASTLSSQQLLHFAADVARGMDYLSQKQFIHRDLAA
RNILVGENYVAKIADFGLSRGQEVYVKKTMGRLPVRWMAIESLNYSVYTTNSDVWSYGVLLWEIVSLGGTPYCGMTCAEL
YEKLPQGYRLEKPLNCDDEVYDLMRQCWREKPYERPSFAQILVSLNRMLEERKTYVNTTLYEKFTYAGIDCSAEEAA
;
_entity_poly.pdbx_strand_id   A
#
# COMPACT_ATOMS: atom_id res chain seq x y z
N GLN A 30 12.21 -18.41 -5.57
CA GLN A 30 12.78 -19.17 -4.41
C GLN A 30 11.77 -19.26 -3.27
N VAL A 31 10.61 -18.65 -3.46
CA VAL A 31 9.56 -18.68 -2.44
C VAL A 31 8.69 -19.91 -2.66
N LEU A 32 8.40 -20.63 -1.59
CA LEU A 32 7.59 -21.84 -1.69
C LEU A 32 6.59 -21.98 -0.55
N LYS A 33 5.42 -22.53 -0.86
CA LYS A 33 4.37 -22.73 0.15
C LYS A 33 4.80 -23.88 1.04
N ALA A 34 4.21 -23.95 2.24
CA ALA A 34 4.55 -25.02 3.17
C ALA A 34 3.71 -24.98 4.43
N ARG A 35 3.86 -26.02 5.24
CA ARG A 35 3.12 -26.11 6.49
C ARG A 35 4.10 -25.96 7.65
N ILE A 36 5.23 -25.33 7.38
CA ILE A 36 6.28 -25.10 8.38
C ILE A 36 5.69 -24.49 9.65
N MET A 43 2.44 -24.40 10.98
CA MET A 43 1.20 -23.89 10.41
C MET A 43 1.40 -23.48 8.96
N ASP A 44 0.31 -23.06 8.31
CA ASP A 44 0.36 -22.65 6.91
C ASP A 44 1.22 -21.40 6.71
N ALA A 45 2.21 -21.49 5.83
CA ALA A 45 3.11 -20.37 5.58
C ALA A 45 3.77 -20.33 4.22
N ALA A 46 4.73 -19.42 4.08
CA ALA A 46 5.49 -19.22 2.84
C ALA A 46 6.96 -19.09 3.21
N ILE A 47 7.82 -19.83 2.50
CA ILE A 47 9.24 -19.80 2.79
C ILE A 47 10.06 -19.33 1.60
N LYS A 48 11.11 -18.55 1.88
CA LYS A 48 11.97 -18.05 0.83
C LYS A 48 13.30 -18.80 0.89
N ARG A 49 13.48 -19.70 -0.07
CA ARG A 49 14.69 -20.51 -0.15
C ARG A 49 15.89 -19.76 -0.70
N MET A 50 16.93 -19.68 0.12
CA MET A 50 18.17 -19.00 -0.24
C MET A 50 19.33 -19.97 0.01
N LYS A 51 20.22 -20.08 -0.97
CA LYS A 51 21.38 -20.97 -0.88
C LYS A 51 22.44 -20.41 0.07
N LYS A 56 27.75 -14.27 -0.39
CA LYS A 56 27.69 -13.30 -1.47
C LYS A 56 26.90 -12.07 -1.03
N ASP A 57 26.39 -11.31 -1.99
CA ASP A 57 25.60 -10.13 -1.67
C ASP A 57 24.31 -10.60 -1.00
N ASP A 58 23.71 -11.64 -1.58
CA ASP A 58 22.47 -12.23 -1.08
C ASP A 58 22.59 -12.74 0.35
N HIS A 59 23.82 -13.00 0.80
CA HIS A 59 24.06 -13.49 2.15
C HIS A 59 23.95 -12.36 3.17
N ARG A 60 24.32 -11.15 2.77
CA ARG A 60 24.24 -9.99 3.67
C ARG A 60 22.79 -9.50 3.73
N ASP A 61 22.07 -9.65 2.63
CA ASP A 61 20.67 -9.24 2.54
C ASP A 61 19.87 -10.22 3.39
N PHE A 62 20.22 -11.50 3.28
CA PHE A 62 19.53 -12.55 4.03
C PHE A 62 19.83 -12.43 5.52
N ALA A 63 21.09 -12.13 5.84
CA ALA A 63 21.51 -11.96 7.22
C ALA A 63 20.91 -10.63 7.69
N GLY A 64 20.56 -9.79 6.72
CA GLY A 64 19.96 -8.51 7.03
C GLY A 64 18.47 -8.67 7.27
N GLU A 65 17.74 -9.07 6.24
CA GLU A 65 16.30 -9.25 6.33
C GLU A 65 15.83 -9.98 7.59
N LEU A 66 16.52 -11.04 7.97
CA LEU A 66 16.13 -11.78 9.17
C LEU A 66 16.35 -10.92 10.40
N GLU A 67 17.52 -10.29 10.49
CA GLU A 67 17.84 -9.42 11.60
C GLU A 67 16.73 -8.40 11.72
N VAL A 68 16.27 -7.93 10.56
CA VAL A 68 15.22 -6.93 10.48
C VAL A 68 13.87 -7.45 10.97
N LEU A 69 13.43 -8.57 10.41
CA LEU A 69 12.14 -9.15 10.79
C LEU A 69 12.09 -9.52 12.27
N CYS A 70 13.24 -9.86 12.85
CA CYS A 70 13.29 -10.21 14.27
C CYS A 70 12.97 -8.98 15.11
N LYS A 71 13.56 -7.86 14.72
CA LYS A 71 13.39 -6.58 15.42
C LYS A 71 12.01 -5.94 15.27
N LEU A 72 11.27 -6.34 14.24
CA LEU A 72 9.94 -5.79 13.98
C LEU A 72 8.90 -6.23 15.01
N GLY A 73 9.13 -7.38 15.63
CA GLY A 73 8.19 -7.88 16.62
C GLY A 73 7.01 -8.55 15.96
N HIS A 74 5.82 -8.37 16.53
CA HIS A 74 4.61 -8.95 15.97
C HIS A 74 3.41 -8.04 16.17
N HIS A 75 2.64 -7.88 15.09
CA HIS A 75 1.44 -7.04 15.07
C HIS A 75 0.58 -7.60 13.93
N PRO A 76 -0.75 -7.59 14.08
CA PRO A 76 -1.63 -8.12 13.03
C PRO A 76 -1.65 -7.38 11.69
N ASN A 77 -0.95 -6.26 11.60
CA ASN A 77 -0.91 -5.52 10.34
C ASN A 77 0.49 -5.45 9.69
N ILE A 78 1.40 -6.33 10.11
CA ILE A 78 2.73 -6.43 9.50
C ILE A 78 2.94 -7.93 9.33
N ILE A 79 3.78 -8.35 8.39
CA ILE A 79 4.00 -9.79 8.19
C ILE A 79 4.43 -10.48 9.45
N ASN A 80 4.18 -11.79 9.52
CA ASN A 80 4.53 -12.59 10.68
C ASN A 80 5.57 -13.61 10.27
N LEU A 81 6.79 -13.49 10.77
CA LEU A 81 7.82 -14.45 10.41
C LEU A 81 7.83 -15.61 11.40
N LEU A 82 7.75 -16.82 10.86
CA LEU A 82 7.72 -18.03 11.68
C LEU A 82 9.14 -18.47 12.04
N GLY A 83 10.11 -18.04 11.25
CA GLY A 83 11.48 -18.40 11.55
C GLY A 83 12.38 -18.67 10.36
N ALA A 84 13.66 -18.87 10.68
CA ALA A 84 14.68 -19.18 9.70
C ALA A 84 15.15 -20.61 10.02
N CYS A 85 15.80 -21.25 9.05
CA CYS A 85 16.26 -22.62 9.28
C CYS A 85 17.50 -22.92 8.44
N GLU A 86 18.27 -23.92 8.87
CA GLU A 86 19.49 -24.31 8.18
C GLU A 86 19.50 -25.77 7.71
N HIS A 87 19.21 -25.97 6.42
CA HIS A 87 19.20 -27.31 5.83
C HIS A 87 19.74 -27.28 4.40
N TYR A 92 16.65 -20.30 3.99
CA TYR A 92 15.20 -20.24 3.85
C TYR A 92 14.53 -19.46 5.00
N LEU A 93 13.83 -18.38 4.65
CA LEU A 93 13.14 -17.56 5.64
C LEU A 93 11.64 -17.75 5.46
N ALA A 94 10.93 -18.10 6.53
CA ALA A 94 9.50 -18.33 6.42
C ALA A 94 8.63 -17.41 7.27
N ILE A 95 7.51 -16.98 6.66
CA ILE A 95 6.54 -16.11 7.32
C ILE A 95 5.15 -16.68 7.03
N GLU A 96 4.17 -16.35 7.86
CA GLU A 96 2.81 -16.84 7.64
C GLU A 96 2.39 -16.53 6.21
N TYR A 97 1.63 -17.45 5.60
CA TYR A 97 1.19 -17.28 4.23
C TYR A 97 -0.03 -16.38 4.10
N ALA A 98 -0.09 -15.66 2.99
CA ALA A 98 -1.21 -14.77 2.72
C ALA A 98 -1.94 -15.29 1.50
N PRO A 99 -3.06 -15.98 1.74
CA PRO A 99 -3.93 -16.60 0.73
C PRO A 99 -4.57 -15.66 -0.30
N HIS A 100 -4.45 -14.35 -0.10
CA HIS A 100 -5.07 -13.41 -1.03
C HIS A 100 -4.11 -12.54 -1.85
N GLY A 101 -2.82 -12.84 -1.78
CA GLY A 101 -1.83 -12.09 -2.55
C GLY A 101 -1.56 -10.66 -2.11
N ASN A 102 -0.88 -9.90 -2.97
CA ASN A 102 -0.57 -8.52 -2.67
C ASN A 102 -1.81 -7.68 -2.91
N LEU A 103 -1.88 -6.54 -2.23
CA LEU A 103 -3.03 -5.67 -2.33
C LEU A 103 -3.25 -5.07 -3.71
N LEU A 104 -2.17 -4.82 -4.44
CA LEU A 104 -2.29 -4.25 -5.77
C LEU A 104 -3.12 -5.18 -6.64
N ASP A 105 -2.67 -6.42 -6.78
CA ASP A 105 -3.41 -7.39 -7.58
C ASP A 105 -4.84 -7.54 -7.06
N PHE A 106 -4.99 -7.59 -5.74
CA PHE A 106 -6.32 -7.75 -5.13
C PHE A 106 -7.25 -6.64 -5.58
N LEU A 107 -6.80 -5.39 -5.49
CA LEU A 107 -7.61 -4.26 -5.89
C LEU A 107 -8.04 -4.34 -7.35
N ARG A 108 -7.15 -4.83 -8.22
CA ARG A 108 -7.46 -4.93 -9.64
C ARG A 108 -8.43 -6.06 -10.00
N LYS A 109 -8.33 -7.20 -9.32
CA LYS A 109 -9.26 -8.30 -9.59
C LYS A 109 -10.62 -7.81 -9.13
N SER A 110 -10.60 -6.86 -8.21
CA SER A 110 -11.84 -6.28 -7.68
C SER A 110 -12.58 -5.48 -8.75
N ARG A 111 -11.90 -5.17 -9.85
CA ARG A 111 -12.51 -4.41 -10.93
C ARG A 111 -13.51 -5.25 -11.69
N VAL A 112 -14.63 -5.46 -11.01
CA VAL A 112 -15.72 -6.28 -11.48
C VAL A 112 -16.27 -5.97 -12.88
N LEU A 113 -16.21 -4.71 -13.29
CA LEU A 113 -16.72 -4.36 -14.62
C LEU A 113 -15.86 -4.99 -15.71
N GLU A 114 -14.62 -5.32 -15.34
CA GLU A 114 -13.65 -5.94 -16.25
C GLU A 114 -13.65 -7.46 -16.09
N THR A 115 -13.60 -7.91 -14.84
CA THR A 115 -13.56 -9.34 -14.51
C THR A 115 -14.84 -10.12 -14.83
N ASP A 116 -16.00 -9.47 -14.69
CA ASP A 116 -17.29 -10.10 -14.96
C ASP A 116 -18.41 -9.06 -15.05
N PRO A 117 -18.55 -8.44 -16.23
CA PRO A 117 -19.56 -7.39 -16.51
C PRO A 117 -21.02 -7.79 -16.29
N ALA A 118 -21.37 -9.03 -16.59
CA ALA A 118 -22.74 -9.46 -16.38
C ALA A 118 -23.11 -9.19 -14.93
N PHE A 119 -22.26 -9.66 -14.01
CA PHE A 119 -22.50 -9.46 -12.58
C PHE A 119 -22.49 -8.00 -12.17
N ALA A 120 -21.50 -7.28 -12.68
CA ALA A 120 -21.32 -5.87 -12.39
C ALA A 120 -22.56 -5.09 -12.78
N ILE A 121 -22.85 -5.12 -14.08
CA ILE A 121 -24.00 -4.43 -14.63
C ILE A 121 -25.25 -4.81 -13.86
N ALA A 122 -25.50 -6.11 -13.76
CA ALA A 122 -26.67 -6.61 -13.05
C ALA A 122 -26.79 -5.98 -11.66
N ASN A 123 -25.68 -5.96 -10.94
CA ASN A 123 -25.65 -5.41 -9.60
C ASN A 123 -25.33 -3.92 -9.52
N SER A 124 -25.07 -3.30 -10.68
CA SER A 124 -24.74 -1.89 -10.74
C SER A 124 -23.60 -1.55 -9.78
N THR A 125 -22.50 -2.28 -9.89
CA THR A 125 -21.34 -2.04 -9.02
C THR A 125 -20.07 -2.10 -9.83
N ALA A 126 -19.05 -1.35 -9.40
CA ALA A 126 -17.79 -1.30 -10.12
C ALA A 126 -16.70 -2.17 -9.50
N SER A 127 -16.91 -2.65 -8.28
CA SER A 127 -15.91 -3.52 -7.66
C SER A 127 -16.51 -4.44 -6.62
N THR A 128 -15.90 -5.62 -6.45
CA THR A 128 -16.39 -6.56 -5.45
C THR A 128 -16.00 -6.11 -4.06
N LEU A 129 -15.33 -4.96 -3.98
CA LEU A 129 -14.92 -4.38 -2.70
C LEU A 129 -15.73 -3.12 -2.44
N SER A 130 -16.12 -2.91 -1.20
CA SER A 130 -16.90 -1.74 -0.83
C SER A 130 -16.04 -0.67 -0.19
N SER A 131 -16.60 0.53 -0.13
CA SER A 131 -15.96 1.70 0.46
C SER A 131 -15.43 1.35 1.85
N GLN A 132 -16.28 0.76 2.68
CA GLN A 132 -15.85 0.38 4.02
C GLN A 132 -14.67 -0.61 3.98
N GLN A 133 -14.69 -1.57 3.05
CA GLN A 133 -13.59 -2.51 2.96
C GLN A 133 -12.31 -1.83 2.49
N LEU A 134 -12.45 -0.89 1.56
CA LEU A 134 -11.30 -0.16 1.04
C LEU A 134 -10.70 0.67 2.15
N LEU A 135 -11.55 1.40 2.87
CA LEU A 135 -11.06 2.21 3.98
C LEU A 135 -10.40 1.34 5.06
N HIS A 136 -10.93 0.12 5.25
CA HIS A 136 -10.37 -0.82 6.23
C HIS A 136 -8.94 -1.20 5.85
N PHE A 137 -8.72 -1.54 4.58
CA PHE A 137 -7.37 -1.89 4.11
C PHE A 137 -6.47 -0.68 4.42
N ALA A 138 -7.00 0.53 4.19
CA ALA A 138 -6.23 1.74 4.42
C ALA A 138 -5.94 1.97 5.89
N ALA A 139 -6.91 1.66 6.73
CA ALA A 139 -6.76 1.83 8.17
C ALA A 139 -5.75 0.80 8.68
N ASP A 140 -5.83 -0.40 8.12
CA ASP A 140 -4.90 -1.51 8.46
C ASP A 140 -3.44 -1.11 8.25
N VAL A 141 -3.13 -0.55 7.07
CA VAL A 141 -1.76 -0.16 6.76
C VAL A 141 -1.28 0.99 7.64
N ALA A 142 -2.17 1.94 7.89
CA ALA A 142 -1.85 3.06 8.75
C ALA A 142 -1.62 2.52 10.16
N ARG A 143 -2.38 1.51 10.57
CA ARG A 143 -2.22 0.95 11.91
C ARG A 143 -0.87 0.26 12.03
N GLY A 144 -0.55 -0.61 11.06
CA GLY A 144 0.73 -1.30 11.08
C GLY A 144 1.88 -0.33 11.00
N MET A 145 1.79 0.64 10.09
CA MET A 145 2.85 1.62 9.94
C MET A 145 3.04 2.41 11.23
N ASP A 146 1.97 2.66 11.97
CA ASP A 146 2.11 3.39 13.24
C ASP A 146 2.90 2.55 14.22
N TYR A 147 2.64 1.25 14.24
CA TYR A 147 3.35 0.32 15.12
C TYR A 147 4.82 0.30 14.75
N LEU A 148 5.12 0.44 13.45
CA LEU A 148 6.50 0.42 12.99
C LEU A 148 7.23 1.74 13.23
N SER A 149 6.64 2.85 12.79
CA SER A 149 7.28 4.15 12.96
C SER A 149 7.63 4.40 14.42
N GLN A 150 6.73 4.01 15.33
CA GLN A 150 6.99 4.17 16.77
C GLN A 150 8.29 3.44 17.18
N LYS A 151 8.73 2.50 16.38
CA LYS A 151 9.95 1.75 16.66
C LYS A 151 11.08 2.30 15.81
N GLN A 152 10.95 3.53 15.35
CA GLN A 152 11.97 4.15 14.52
C GLN A 152 12.24 3.35 13.24
N PHE A 153 11.26 2.59 12.79
CA PHE A 153 11.44 1.80 11.58
C PHE A 153 10.96 2.59 10.38
N ILE A 154 11.87 2.81 9.43
CA ILE A 154 11.49 3.52 8.22
C ILE A 154 11.36 2.47 7.14
N HIS A 155 10.20 2.45 6.48
CA HIS A 155 9.94 1.45 5.46
C HIS A 155 10.67 1.70 4.15
N ARG A 156 10.62 2.93 3.64
CA ARG A 156 11.29 3.30 2.39
C ARG A 156 10.62 2.85 1.09
N ASP A 157 9.70 1.90 1.15
CA ASP A 157 9.03 1.45 -0.06
C ASP A 157 7.54 1.07 0.10
N LEU A 158 6.78 1.92 0.78
CA LEU A 158 5.34 1.68 0.95
C LEU A 158 4.63 1.79 -0.39
N ALA A 159 3.83 0.78 -0.70
CA ALA A 159 3.09 0.73 -1.97
C ALA A 159 2.18 -0.48 -1.96
N ALA A 160 1.03 -0.36 -2.61
CA ALA A 160 0.09 -1.47 -2.67
C ALA A 160 0.78 -2.80 -3.01
N ARG A 161 1.72 -2.76 -3.95
CA ARG A 161 2.43 -3.97 -4.35
C ARG A 161 3.13 -4.62 -3.15
N ASN A 162 3.57 -3.81 -2.21
CA ASN A 162 4.27 -4.35 -1.04
C ASN A 162 3.42 -4.69 0.17
N ILE A 163 2.10 -4.66 -0.01
CA ILE A 163 1.15 -4.98 1.07
C ILE A 163 0.49 -6.33 0.80
N LEU A 164 0.33 -7.16 1.83
CA LEU A 164 -0.33 -8.44 1.64
C LEU A 164 -1.74 -8.43 2.21
N VAL A 165 -2.60 -9.24 1.62
CA VAL A 165 -3.97 -9.39 2.07
C VAL A 165 -4.08 -10.80 2.66
N GLY A 166 -4.04 -10.90 3.98
CA GLY A 166 -4.07 -12.20 4.63
C GLY A 166 -5.38 -12.69 5.23
N GLU A 167 -5.24 -13.69 6.11
CA GLU A 167 -6.39 -14.30 6.77
C GLU A 167 -7.38 -13.26 7.30
N ASN A 168 -8.65 -13.45 6.96
CA ASN A 168 -9.73 -12.56 7.37
C ASN A 168 -9.67 -11.23 6.63
N TYR A 169 -8.81 -11.19 5.60
CA TYR A 169 -8.64 -9.99 4.79
C TYR A 169 -8.00 -8.85 5.57
N VAL A 170 -7.01 -9.20 6.38
CA VAL A 170 -6.29 -8.22 7.18
C VAL A 170 -5.08 -7.78 6.38
N ALA A 171 -5.04 -6.50 5.99
CA ALA A 171 -3.90 -6.01 5.21
C ALA A 171 -2.63 -6.13 6.04
N LYS A 172 -1.53 -6.51 5.41
CA LYS A 172 -0.30 -6.66 6.15
C LYS A 172 0.91 -6.06 5.47
N ILE A 173 1.55 -5.12 6.14
CA ILE A 173 2.74 -4.46 5.62
C ILE A 173 3.85 -5.49 5.36
N ALA A 174 4.44 -5.43 4.18
CA ALA A 174 5.53 -6.32 3.80
C ALA A 174 6.56 -5.56 2.97
N ASP A 175 7.54 -6.30 2.42
CA ASP A 175 8.56 -5.70 1.57
C ASP A 175 9.24 -6.81 0.77
N PHE A 176 8.89 -6.89 -0.51
CA PHE A 176 9.43 -7.92 -1.40
C PHE A 176 10.71 -7.53 -2.14
N GLY A 177 11.11 -6.27 -2.04
CA GLY A 177 12.33 -5.84 -2.71
C GLY A 177 12.12 -4.92 -3.91
N LEU A 178 13.18 -4.19 -4.28
CA LEU A 178 13.11 -3.27 -5.42
C LEU A 178 13.32 -4.01 -6.73
N MET A 190 18.13 -4.54 -13.03
CA MET A 190 17.93 -3.09 -13.02
C MET A 190 17.61 -2.62 -11.60
N GLY A 191 16.43 -2.97 -11.10
CA GLY A 191 16.04 -2.57 -9.77
C GLY A 191 15.87 -1.06 -9.63
N ARG A 192 15.22 -0.43 -10.61
CA ARG A 192 15.03 1.00 -10.59
C ARG A 192 14.27 1.45 -9.33
N LEU A 193 14.38 2.73 -9.02
CA LEU A 193 13.73 3.31 -7.86
C LEU A 193 12.25 3.53 -8.11
N PRO A 194 11.42 3.36 -7.07
CA PRO A 194 9.97 3.52 -7.08
C PRO A 194 9.59 5.00 -7.10
N VAL A 195 10.13 5.69 -8.10
CA VAL A 195 9.91 7.12 -8.29
C VAL A 195 8.49 7.65 -8.11
N ARG A 196 7.50 6.95 -8.63
CA ARG A 196 6.11 7.41 -8.51
C ARG A 196 5.59 7.45 -7.06
N TRP A 197 6.27 6.73 -6.17
CA TRP A 197 5.90 6.67 -4.75
C TRP A 197 6.82 7.46 -3.81
N MET A 198 7.93 7.97 -4.33
CA MET A 198 8.89 8.70 -3.50
C MET A 198 8.60 10.17 -3.25
N ALA A 199 8.86 10.60 -2.02
CA ALA A 199 8.68 11.99 -1.62
C ALA A 199 9.68 12.81 -2.43
N ILE A 200 9.41 14.10 -2.61
CA ILE A 200 10.32 14.92 -3.38
C ILE A 200 11.74 14.90 -2.79
N GLU A 201 11.84 14.91 -1.46
CA GLU A 201 13.13 14.90 -0.79
C GLU A 201 13.86 13.55 -0.90
N SER A 202 13.12 12.48 -1.15
CA SER A 202 13.77 11.18 -1.30
C SER A 202 14.37 11.13 -2.71
N LEU A 203 13.66 11.74 -3.66
CA LEU A 203 14.09 11.78 -5.04
C LEU A 203 15.35 12.61 -5.25
N ASN A 204 15.42 13.75 -4.56
CA ASN A 204 16.57 14.64 -4.71
C ASN A 204 17.75 14.46 -3.75
N TYR A 205 17.53 13.93 -2.55
CA TYR A 205 18.66 13.79 -1.62
C TYR A 205 18.71 12.48 -0.87
N SER A 206 17.94 11.51 -1.34
CA SER A 206 17.93 10.21 -0.68
C SER A 206 17.65 10.31 0.82
N VAL A 207 16.77 11.25 1.17
CA VAL A 207 16.34 11.42 2.54
C VAL A 207 15.13 10.51 2.72
N TYR A 208 15.23 9.57 3.68
CA TYR A 208 14.16 8.64 3.98
C TYR A 208 13.80 8.77 5.47
N THR A 209 12.52 8.99 5.75
CA THR A 209 12.01 9.15 7.13
C THR A 209 10.54 8.71 7.22
N THR A 210 10.00 8.79 8.43
CA THR A 210 8.61 8.45 8.60
C THR A 210 7.77 9.44 7.79
N ASN A 211 8.25 10.68 7.67
CA ASN A 211 7.53 11.67 6.88
C ASN A 211 7.53 11.27 5.40
N SER A 212 8.62 10.66 4.91
CA SER A 212 8.62 10.26 3.51
C SER A 212 7.82 8.97 3.36
N ASP A 213 7.79 8.13 4.41
CA ASP A 213 6.98 6.92 4.35
C ASP A 213 5.50 7.38 4.23
N VAL A 214 5.19 8.52 4.84
CA VAL A 214 3.82 9.03 4.79
C VAL A 214 3.50 9.47 3.37
N TRP A 215 4.47 10.08 2.69
CA TRP A 215 4.25 10.50 1.31
C TRP A 215 3.91 9.26 0.48
N SER A 216 4.69 8.20 0.61
CA SER A 216 4.37 7.00 -0.16
C SER A 216 2.97 6.51 0.26
N TYR A 217 2.68 6.51 1.56
CA TYR A 217 1.37 6.07 2.04
C TYR A 217 0.24 6.80 1.33
N GLY A 218 0.38 8.11 1.21
CA GLY A 218 -0.64 8.89 0.54
C GLY A 218 -0.84 8.39 -0.87
N VAL A 219 0.24 7.94 -1.51
CA VAL A 219 0.12 7.44 -2.88
C VAL A 219 -0.64 6.12 -2.83
N LEU A 220 -0.29 5.29 -1.86
CA LEU A 220 -0.95 3.99 -1.66
C LEU A 220 -2.44 4.20 -1.41
N LEU A 221 -2.79 5.20 -0.60
CA LEU A 221 -4.20 5.44 -0.33
C LEU A 221 -4.87 5.72 -1.68
N TRP A 222 -4.20 6.51 -2.51
CA TRP A 222 -4.70 6.87 -3.83
C TRP A 222 -4.91 5.60 -4.64
N GLU A 223 -3.94 4.69 -4.59
CA GLU A 223 -4.08 3.43 -5.32
C GLU A 223 -5.33 2.69 -4.79
N ILE A 224 -5.53 2.71 -3.48
CA ILE A 224 -6.67 2.02 -2.89
C ILE A 224 -7.96 2.59 -3.48
N VAL A 225 -8.17 3.88 -3.33
CA VAL A 225 -9.36 4.52 -3.86
C VAL A 225 -9.50 4.25 -5.35
N SER A 226 -8.38 4.32 -6.08
CA SER A 226 -8.35 4.08 -7.52
C SER A 226 -8.55 2.62 -7.86
N LEU A 227 -8.58 1.78 -6.84
CA LEU A 227 -8.73 0.35 -7.06
C LEU A 227 -7.53 -0.20 -7.82
N GLY A 228 -6.34 0.31 -7.46
CA GLY A 228 -5.11 -0.16 -8.09
C GLY A 228 -4.61 0.53 -9.34
N GLY A 229 -5.07 1.74 -9.60
CA GLY A 229 -4.60 2.42 -10.79
C GLY A 229 -3.15 2.85 -10.64
N THR A 230 -2.40 2.89 -11.74
CA THR A 230 -1.01 3.34 -11.66
C THR A 230 -1.08 4.85 -11.41
N PRO A 231 -0.27 5.36 -10.48
CA PRO A 231 -0.29 6.80 -10.21
C PRO A 231 0.47 7.57 -11.30
N TYR A 232 -0.06 8.72 -11.70
CA TYR A 232 0.56 9.54 -12.74
C TYR A 232 0.47 8.82 -14.07
N CYS A 233 -0.66 8.14 -14.29
CA CYS A 233 -0.92 7.39 -15.50
C CYS A 233 -0.57 8.19 -16.75
N GLY A 234 0.31 7.63 -17.56
CA GLY A 234 0.69 8.27 -18.82
C GLY A 234 1.58 9.48 -18.65
N MET A 235 2.27 9.55 -17.50
CA MET A 235 3.18 10.65 -17.25
C MET A 235 4.57 10.02 -17.15
N THR A 236 5.58 10.73 -17.64
CA THR A 236 6.94 10.21 -17.63
C THR A 236 7.56 10.26 -16.25
N CYS A 237 8.44 9.31 -15.96
CA CYS A 237 9.13 9.27 -14.68
C CYS A 237 9.92 10.56 -14.51
N ALA A 238 10.45 11.07 -15.62
CA ALA A 238 11.24 12.30 -15.59
C ALA A 238 10.33 13.52 -15.53
N GLU A 239 9.15 13.39 -16.11
CA GLU A 239 8.15 14.46 -16.13
C GLU A 239 7.76 14.82 -14.69
N LEU A 240 8.07 13.90 -13.77
CA LEU A 240 7.77 14.09 -12.37
C LEU A 240 8.82 14.91 -11.64
N TYR A 241 10.09 14.57 -11.85
CA TYR A 241 11.19 15.30 -11.21
C TYR A 241 11.02 16.78 -11.43
N GLU A 242 10.33 17.11 -12.51
CA GLU A 242 10.10 18.49 -12.90
C GLU A 242 8.86 19.11 -12.28
N LYS A 243 7.71 18.54 -12.59
CA LYS A 243 6.44 19.04 -12.11
C LYS A 243 6.18 18.89 -10.61
N LEU A 244 6.69 17.80 -10.01
CA LEU A 244 6.49 17.58 -8.59
C LEU A 244 6.98 18.76 -7.74
N PRO A 245 8.22 19.18 -7.95
CA PRO A 245 8.77 20.31 -7.19
C PRO A 245 7.96 21.59 -7.44
N GLN A 246 7.24 21.61 -8.56
CA GLN A 246 6.42 22.75 -8.94
C GLN A 246 5.04 22.71 -8.28
N GLY A 247 4.84 21.76 -7.37
CA GLY A 247 3.55 21.66 -6.70
C GLY A 247 2.58 20.70 -7.35
N TYR A 248 2.96 20.08 -8.46
CA TYR A 248 2.06 19.14 -9.10
C TYR A 248 1.78 17.94 -8.18
N ARG A 249 0.54 17.47 -8.19
CA ARG A 249 0.12 16.34 -7.38
C ARG A 249 -0.95 15.53 -8.12
N LEU A 250 -1.14 14.29 -7.70
CA LEU A 250 -2.15 13.45 -8.32
C LEU A 250 -3.50 14.16 -8.19
N GLU A 251 -4.40 13.87 -9.11
CA GLU A 251 -5.72 14.49 -9.08
C GLU A 251 -6.70 13.71 -8.21
N LYS A 252 -7.75 14.40 -7.79
CA LYS A 252 -8.78 13.78 -6.97
C LYS A 252 -9.53 12.72 -7.77
N PRO A 253 -9.40 11.44 -7.37
CA PRO A 253 -10.10 10.39 -8.12
C PRO A 253 -11.61 10.68 -8.17
N LEU A 254 -12.21 10.45 -9.33
CA LEU A 254 -13.63 10.70 -9.53
C LEU A 254 -14.57 10.11 -8.48
N ASN A 255 -14.31 8.88 -8.08
CA ASN A 255 -15.13 8.17 -7.09
C ASN A 255 -14.71 8.49 -5.66
N CYS A 256 -14.05 9.62 -5.47
CA CYS A 256 -13.53 9.94 -4.15
C CYS A 256 -14.12 11.14 -3.39
N ASP A 257 -14.48 10.92 -2.13
CA ASP A 257 -15.03 11.99 -1.31
C ASP A 257 -13.88 12.95 -0.96
N ASP A 258 -14.15 14.25 -0.98
CA ASP A 258 -13.13 15.25 -0.69
C ASP A 258 -12.30 15.00 0.55
N GLU A 259 -12.93 14.43 1.57
CA GLU A 259 -12.25 14.17 2.83
C GLU A 259 -11.14 13.14 2.72
N VAL A 260 -11.27 12.20 1.78
CA VAL A 260 -10.23 11.19 1.60
C VAL A 260 -9.14 11.88 0.83
N TYR A 261 -9.53 12.63 -0.19
CA TYR A 261 -8.58 13.35 -1.01
C TYR A 261 -7.79 14.31 -0.17
N ASP A 262 -8.44 14.93 0.82
CA ASP A 262 -7.74 15.86 1.68
C ASP A 262 -6.65 15.15 2.46
N LEU A 263 -6.98 13.95 2.94
CA LEU A 263 -6.05 13.16 3.71
C LEU A 263 -4.85 12.81 2.82
N MET A 264 -5.10 12.61 1.52
CA MET A 264 -4.04 12.30 0.55
C MET A 264 -3.13 13.50 0.34
N ARG A 265 -3.71 14.70 0.24
CA ARG A 265 -2.95 15.91 0.04
C ARG A 265 -2.04 16.14 1.25
N GLN A 266 -2.59 15.97 2.44
CA GLN A 266 -1.78 16.15 3.64
C GLN A 266 -0.51 15.30 3.55
N CYS A 267 -0.64 14.09 3.03
CA CYS A 267 0.51 13.21 2.94
C CYS A 267 1.61 13.71 2.00
N TRP A 268 1.21 14.41 0.94
CA TRP A 268 2.19 14.87 -0.04
C TRP A 268 2.64 16.31 0.08
N ARG A 269 2.55 16.90 1.25
CA ARG A 269 2.99 18.28 1.42
C ARG A 269 4.52 18.36 1.26
N GLU A 270 4.95 19.41 0.55
CA GLU A 270 6.35 19.64 0.31
C GLU A 270 7.16 19.65 1.60
N LYS A 271 6.69 20.36 2.63
CA LYS A 271 7.40 20.39 3.89
C LYS A 271 7.17 19.12 4.71
N PRO A 272 8.17 18.25 4.74
CA PRO A 272 8.18 16.96 5.45
C PRO A 272 7.57 16.97 6.85
N TYR A 273 7.78 18.05 7.58
CA TYR A 273 7.27 18.16 8.94
C TYR A 273 5.79 18.57 9.02
N GLU A 274 5.17 18.89 7.90
CA GLU A 274 3.75 19.30 7.90
C GLU A 274 2.81 18.14 7.60
N ARG A 275 3.36 17.01 7.21
CA ARG A 275 2.52 15.84 6.91
C ARG A 275 2.02 15.23 8.22
N PRO A 276 0.82 14.64 8.19
CA PRO A 276 0.28 14.02 9.40
C PRO A 276 1.07 12.79 9.82
N SER A 277 0.91 12.38 11.07
CA SER A 277 1.58 11.19 11.55
C SER A 277 0.70 10.01 11.13
N PHE A 278 1.24 8.81 11.24
CA PHE A 278 0.47 7.64 10.88
C PHE A 278 -0.69 7.42 11.87
N ALA A 279 -0.58 7.99 13.06
CA ALA A 279 -1.66 7.85 14.04
C ALA A 279 -2.82 8.80 13.70
N GLN A 280 -2.49 9.99 13.20
CA GLN A 280 -3.52 10.96 12.84
C GLN A 280 -4.27 10.43 11.62
N ILE A 281 -3.59 9.60 10.85
CA ILE A 281 -4.20 9.01 9.66
C ILE A 281 -5.13 7.86 10.08
N LEU A 282 -4.66 7.01 10.99
CA LEU A 282 -5.47 5.90 11.49
C LEU A 282 -6.78 6.45 12.06
N VAL A 283 -6.64 7.47 12.90
CA VAL A 283 -7.77 8.09 13.58
C VAL A 283 -8.78 8.74 12.63
N SER A 284 -8.27 9.43 11.61
CA SER A 284 -9.14 10.09 10.65
C SER A 284 -9.86 9.05 9.80
N LEU A 285 -9.13 8.00 9.42
CA LEU A 285 -9.72 6.93 8.64
C LEU A 285 -10.77 6.23 9.49
N ASN A 286 -10.43 6.00 10.76
CA ASN A 286 -11.35 5.35 11.68
C ASN A 286 -12.66 6.15 11.79
N ARG A 287 -12.54 7.48 11.76
CA ARG A 287 -13.71 8.34 11.86
C ARG A 287 -14.58 8.15 10.63
N MET A 288 -13.97 7.97 9.46
CA MET A 288 -14.73 7.76 8.24
C MET A 288 -15.41 6.38 8.27
N LEU A 289 -14.66 5.36 8.68
CA LEU A 289 -15.21 4.01 8.78
C LEU A 289 -16.42 4.05 9.71
N GLU A 290 -16.30 4.87 10.75
CA GLU A 290 -17.32 5.02 11.77
C GLU A 290 -18.65 5.66 11.32
N GLU A 291 -18.59 6.63 10.42
CA GLU A 291 -19.82 7.27 9.96
C GLU A 291 -20.64 6.39 9.04
N ARG A 292 -21.85 6.85 8.74
CA ARG A 292 -22.76 6.12 7.87
C ARG A 292 -22.48 6.51 6.44
N LYS A 293 -21.97 7.72 6.26
CA LYS A 293 -21.64 8.27 4.95
C LYS A 293 -20.68 7.37 4.17
N THR A 294 -20.86 7.31 2.86
CA THR A 294 -19.99 6.51 2.00
C THR A 294 -18.94 7.45 1.44
N TYR A 295 -17.68 7.02 1.48
CA TYR A 295 -16.59 7.87 1.01
C TYR A 295 -15.95 7.47 -0.32
N VAL A 296 -16.06 6.20 -0.68
CA VAL A 296 -15.50 5.76 -1.95
C VAL A 296 -16.65 5.20 -2.75
N ASN A 297 -17.06 5.95 -3.77
CA ASN A 297 -18.15 5.57 -4.65
C ASN A 297 -17.75 4.33 -5.46
N THR A 298 -18.57 3.29 -5.42
CA THR A 298 -18.26 2.09 -6.17
C THR A 298 -19.43 1.62 -7.03
N THR A 299 -20.49 2.42 -7.05
CA THR A 299 -21.67 2.07 -7.84
C THR A 299 -21.39 2.43 -9.31
N LEU A 300 -22.08 1.76 -10.23
CA LEU A 300 -21.91 2.02 -11.66
C LEU A 300 -22.83 3.12 -12.16
N TYR A 301 -22.37 3.82 -13.19
CA TYR A 301 -23.16 4.88 -13.82
C TYR A 301 -22.74 5.01 -15.29
N GLU A 302 -23.69 5.44 -16.12
CA GLU A 302 -23.48 5.61 -17.56
C GLU A 302 -22.03 5.83 -18.02
N LYS A 303 -21.49 7.00 -17.73
CA LYS A 303 -20.13 7.31 -18.17
C LYS A 303 -19.00 6.85 -17.26
N PHE A 304 -19.26 5.87 -16.40
CA PHE A 304 -18.22 5.39 -15.49
C PHE A 304 -16.98 4.86 -16.22
N THR A 305 -15.83 5.03 -15.58
CA THR A 305 -14.57 4.58 -16.12
C THR A 305 -13.57 4.34 -14.99
N TYR A 306 -12.63 3.43 -15.23
CA TYR A 306 -11.62 3.09 -14.23
C TYR A 306 -10.35 3.91 -14.39
N ALA A 307 -9.71 4.21 -13.27
CA ALA A 307 -8.45 4.95 -13.32
C ALA A 307 -7.53 3.97 -14.08
N GLY A 308 -6.79 4.51 -15.04
CA GLY A 308 -5.91 3.71 -15.88
C GLY A 308 -4.82 2.89 -15.22
N ILE A 309 -4.39 1.85 -15.94
CA ILE A 309 -3.33 0.96 -15.48
C ILE A 309 -2.26 0.83 -16.54
#